data_2KRZ
#
_entry.id   2KRZ
#
_entity_poly.entity_id   1
_entity_poly.type   'polyribonucleotide'
_entity_poly.pdbx_seq_one_letter_code
;(PSU)CGGGCCCAUACCCCGA
;
_entity_poly.pdbx_strand_id   A
#